data_2QFU
#
_entry.id   2QFU
#
_cell.length_a   57.603
_cell.length_b   85.116
_cell.length_c   88.026
_cell.angle_alpha   90.000
_cell.angle_beta   90.000
_cell.angle_gamma   90.000
#
_symmetry.space_group_name_H-M   'P 21 21 21'
#
loop_
_entity.id
_entity.type
_entity.pdbx_description
1 polymer '3-phosphoshikimate 1-carboxyvinyltransferase'
2 non-polymer GLYPHOSATE
3 non-polymer SHIKIMATE-3-PHOSPHATE
4 non-polymer 'FORMIC ACID'
5 water water
#
_entity_poly.entity_id   1
_entity_poly.type   'polypeptide(L)'
_entity_poly.pdbx_seq_one_letter_code
;MESLTLQPIARVDGTINLPGSKSVSNRALLLAALAHGKTVLTNLLDSDDVRHMLNALTALGVSYTLSADRTRCEIIGNGG
PLHAEGALELFLGNAGTAMRLLAAALCLGSNDIVLTGEPRMKERPIGHLVDALRLGGAKITYLEQENYPPLRLQGGFTGG
NVDVDGSVSSQFLTALLMTAPLAPEDTVIRIKGDLVSKPYIDITLNLMKTFGVEIENQHYQQFVVKGGQSYQSPGTYLVE
GDASSASYFLAAAAIKGGTVKVTGIGRNSMQGDIRFADVLEKMGATICWGDDYISCTRGELNAIDMDMNHIPDAAMTIAT
AALFAKGTTTLRNIYNWRVKETDRLFAMATELRKVGAEVEEGHDYIRITPPEKLNFAEIATYNDHRMAMCFSLVALSDTP
VTILDPKCTAKTFPDYFEQLARISQAA
;
_entity_poly.pdbx_strand_id   A
#
loop_
_chem_comp.id
_chem_comp.type
_chem_comp.name
_chem_comp.formula
FMT non-polymer 'FORMIC ACID' 'C H2 O2'
GPJ non-polymer GLYPHOSATE 'C3 H9 N O5 P 1'
S3P non-polymer SHIKIMATE-3-PHOSPHATE 'C7 H11 O8 P'
#
# COMPACT_ATOMS: atom_id res chain seq x y z
N MET A 1 11.21 21.88 -11.81
CA MET A 1 11.32 20.57 -11.11
C MET A 1 11.97 20.73 -9.75
N GLU A 2 11.20 20.49 -8.69
CA GLU A 2 11.73 20.58 -7.35
C GLU A 2 12.70 19.42 -7.12
N SER A 3 13.62 19.62 -6.19
CA SER A 3 14.56 18.55 -5.85
C SER A 3 15.05 18.81 -4.46
N LEU A 4 15.58 17.76 -3.85
CA LEU A 4 16.16 17.87 -2.52
C LEU A 4 17.48 17.13 -2.59
N THR A 5 18.51 17.66 -1.95
CA THR A 5 19.79 16.98 -1.93
C THR A 5 20.07 16.56 -0.49
N LEU A 6 20.36 15.28 -0.31
CA LEU A 6 20.66 14.74 1.00
C LEU A 6 22.16 14.64 1.16
N GLN A 7 22.71 15.21 2.22
CA GLN A 7 24.13 15.12 2.45
C GLN A 7 24.39 13.78 3.14
N PRO A 8 25.62 13.28 3.04
CA PRO A 8 25.98 12.00 3.67
C PRO A 8 25.56 11.97 5.14
N ILE A 9 25.01 10.83 5.56
CA ILE A 9 24.55 10.62 6.93
C ILE A 9 25.56 9.69 7.59
N ALA A 10 26.22 10.16 8.63
CA ALA A 10 27.25 9.35 9.27
C ALA A 10 26.77 8.17 10.09
N ARG A 11 25.62 8.32 10.70
CA ARG A 11 25.05 7.27 11.53
C ARG A 11 23.57 7.53 11.72
N VAL A 12 22.77 6.49 11.90
CA VAL A 12 21.37 6.74 12.23
C VAL A 12 21.12 6.04 13.55
N ASP A 13 20.28 6.68 14.35
CA ASP A 13 19.92 6.14 15.65
C ASP A 13 18.75 6.96 16.16
N GLY A 14 17.79 6.27 16.77
CA GLY A 14 16.67 6.99 17.33
C GLY A 14 15.36 6.23 17.28
N THR A 15 14.29 6.97 17.48
CA THR A 15 12.95 6.40 17.50
C THR A 15 12.03 7.21 16.62
N ILE A 16 11.24 6.50 15.80
CA ILE A 16 10.27 7.14 14.92
C ILE A 16 8.88 6.63 15.28
N ASN A 17 7.93 7.55 15.50
CA ASN A 17 6.53 7.15 15.77
C ASN A 17 5.93 7.18 14.37
N LEU A 18 5.55 6.01 13.88
CA LEU A 18 5.08 5.88 12.52
C LEU A 18 3.78 6.55 12.17
N PRO A 19 3.66 6.96 10.90
CA PRO A 19 2.41 7.58 10.44
C PRO A 19 1.49 6.35 10.30
N GLY A 20 0.18 6.59 10.22
CA GLY A 20 -0.75 5.46 10.09
C GLY A 20 -0.61 4.67 8.80
N SER A 21 -1.04 3.42 8.85
CA SER A 21 -1.01 2.52 7.69
C SER A 21 -2.00 2.99 6.62
N LYS A 22 -1.52 3.14 5.39
CA LYS A 22 -2.39 3.54 4.27
C LYS A 22 -3.41 2.42 4.00
N SER A 23 -2.94 1.17 4.02
CA SER A 23 -3.82 0.03 3.75
C SER A 23 -4.95 -0.08 4.76
N VAL A 24 -4.60 0.05 6.05
CA VAL A 24 -5.62 -0.02 7.08
C VAL A 24 -6.51 1.20 7.03
N SER A 25 -5.91 2.37 6.82
CA SER A 25 -6.69 3.61 6.80
C SER A 25 -7.81 3.61 5.77
N ASN A 26 -7.48 3.25 4.52
CA ASN A 26 -8.51 3.31 3.50
C ASN A 26 -9.59 2.25 3.67
N ARG A 27 -9.22 1.07 4.17
CA ARG A 27 -10.24 0.05 4.41
C ARG A 27 -11.14 0.52 5.57
N ALA A 28 -10.53 1.04 6.62
CA ALA A 28 -11.31 1.47 7.79
C ALA A 28 -12.23 2.61 7.44
N LEU A 29 -11.79 3.53 6.58
CA LEU A 29 -12.69 4.62 6.21
C LEU A 29 -13.90 4.13 5.41
N LEU A 30 -13.67 3.26 4.42
CA LEU A 30 -14.79 2.78 3.63
C LEU A 30 -15.75 1.96 4.50
N LEU A 31 -15.21 1.09 5.36
CA LEU A 31 -16.09 0.30 6.21
C LEU A 31 -16.86 1.20 7.18
N ALA A 32 -16.18 2.20 7.73
CA ALA A 32 -16.86 3.13 8.64
C ALA A 32 -18.00 3.84 7.90
N ALA A 33 -17.78 4.18 6.63
CA ALA A 33 -18.79 4.89 5.87
C ALA A 33 -20.00 4.00 5.59
N LEU A 34 -19.74 2.71 5.36
CA LEU A 34 -20.82 1.78 5.07
C LEU A 34 -21.56 1.32 6.32
N ALA A 35 -20.87 1.35 7.45
CA ALA A 35 -21.42 0.85 8.71
C ALA A 35 -22.51 1.67 9.35
N HIS A 36 -23.15 1.04 10.34
CA HIS A 36 -24.14 1.70 11.16
C HIS A 36 -23.43 2.19 12.40
N GLY A 37 -23.64 3.46 12.74
CA GLY A 37 -23.03 4.02 13.93
C GLY A 37 -21.86 4.93 13.64
N LYS A 38 -21.33 5.54 14.70
CA LYS A 38 -20.22 6.46 14.57
C LYS A 38 -18.93 5.76 14.89
N THR A 39 -17.97 5.86 13.99
CA THR A 39 -16.68 5.25 14.19
C THR A 39 -15.67 6.37 14.42
N VAL A 40 -14.79 6.18 15.39
CA VAL A 40 -13.73 7.15 15.64
C VAL A 40 -12.44 6.43 15.33
N LEU A 41 -11.74 6.88 14.28
CA LEU A 41 -10.48 6.30 13.87
C LEU A 41 -9.38 7.18 14.43
N THR A 42 -8.37 6.56 15.05
CA THR A 42 -7.25 7.34 15.56
C THR A 42 -5.99 6.79 14.86
N ASN A 43 -4.99 7.65 14.77
CA ASN A 43 -3.72 7.34 14.08
C ASN A 43 -3.99 7.12 12.60
N LEU A 44 -5.04 7.74 12.09
CA LEU A 44 -5.34 7.65 10.66
C LEU A 44 -4.20 8.33 9.89
N LEU A 45 -3.85 7.82 8.72
CA LEU A 45 -2.80 8.44 7.91
C LEU A 45 -3.31 9.65 7.17
N ASP A 46 -2.53 10.73 7.17
CA ASP A 46 -2.86 11.91 6.36
C ASP A 46 -1.85 11.85 5.21
N SER A 47 -2.32 11.45 4.03
CA SER A 47 -1.48 11.38 2.84
C SER A 47 -2.42 11.49 1.65
N ASP A 48 -1.86 11.60 0.44
CA ASP A 48 -2.72 11.74 -0.74
C ASP A 48 -3.71 10.61 -0.88
N ASP A 49 -3.26 9.37 -0.72
CA ASP A 49 -4.19 8.26 -0.94
C ASP A 49 -5.36 8.27 0.02
N VAL A 50 -5.15 8.68 1.26
CA VAL A 50 -6.25 8.72 2.21
C VAL A 50 -7.11 9.96 1.93
N ARG A 51 -6.47 11.07 1.56
CA ARG A 51 -7.23 12.26 1.24
C ARG A 51 -8.18 12.03 0.07
N HIS A 52 -7.76 11.25 -0.93
CA HIS A 52 -8.67 10.99 -2.05
C HIS A 52 -9.87 10.17 -1.59
N MET A 53 -9.64 9.23 -0.67
CA MET A 53 -10.75 8.45 -0.15
C MET A 53 -11.67 9.38 0.65
N LEU A 54 -11.09 10.26 1.48
CA LEU A 54 -11.91 11.19 2.26
C LEU A 54 -12.74 12.09 1.36
N ASN A 55 -12.12 12.56 0.28
CA ASN A 55 -12.85 13.43 -0.64
C ASN A 55 -13.97 12.68 -1.34
N ALA A 56 -13.74 11.41 -1.64
CA ALA A 56 -14.77 10.60 -2.29
C ALA A 56 -15.96 10.43 -1.34
N LEU A 57 -15.66 10.14 -0.07
CA LEU A 57 -16.73 9.96 0.90
C LEU A 57 -17.49 11.26 1.03
N THR A 58 -16.79 12.40 1.05
CA THR A 58 -17.49 13.68 1.14
C THR A 58 -18.46 13.83 -0.06
N ALA A 59 -17.96 13.53 -1.25
CA ALA A 59 -18.77 13.67 -2.46
C ALA A 59 -19.99 12.76 -2.46
N LEU A 60 -19.85 11.60 -1.82
CA LEU A 60 -20.93 10.64 -1.75
C LEU A 60 -21.93 10.99 -0.66
N GLY A 61 -21.66 12.03 0.11
CA GLY A 61 -22.62 12.44 1.14
C GLY A 61 -22.34 11.96 2.55
N VAL A 62 -21.18 11.35 2.76
CA VAL A 62 -20.84 10.87 4.09
C VAL A 62 -20.35 12.03 4.96
N SER A 63 -20.80 12.07 6.21
CA SER A 63 -20.40 13.13 7.13
C SER A 63 -19.30 12.65 8.06
N TYR A 64 -18.26 13.47 8.20
CA TYR A 64 -17.18 13.13 9.14
C TYR A 64 -16.46 14.41 9.54
N THR A 65 -15.68 14.31 10.61
CA THR A 65 -14.88 15.44 11.06
C THR A 65 -13.45 14.92 11.27
N LEU A 66 -12.48 15.80 11.06
CA LEU A 66 -11.06 15.48 11.23
C LEU A 66 -10.42 16.37 12.26
N SER A 67 -9.48 15.83 13.01
CA SER A 67 -8.77 16.60 14.02
C SER A 67 -7.81 17.53 13.29
N ALA A 68 -7.19 18.44 14.03
CA ALA A 68 -6.26 19.39 13.42
C ALA A 68 -5.15 18.74 12.60
N ASP A 69 -4.62 17.61 13.06
CA ASP A 69 -3.55 16.95 12.33
C ASP A 69 -4.02 15.89 11.35
N ARG A 70 -5.34 15.81 11.22
CA ARG A 70 -6.03 14.90 10.31
C ARG A 70 -5.77 13.42 10.61
N THR A 71 -5.37 13.11 11.84
CA THR A 71 -5.12 11.71 12.20
C THR A 71 -6.25 11.13 13.06
N ARG A 72 -7.21 11.96 13.46
CA ARG A 72 -8.36 11.44 14.20
C ARG A 72 -9.58 11.78 13.35
N CYS A 73 -10.40 10.78 13.05
CA CYS A 73 -11.57 11.00 12.20
C CYS A 73 -12.81 10.40 12.82
N GLU A 74 -13.86 11.21 12.94
CA GLU A 74 -15.12 10.73 13.52
C GLU A 74 -16.07 10.64 12.33
N ILE A 75 -16.40 9.41 11.96
CA ILE A 75 -17.25 9.15 10.79
C ILE A 75 -18.67 8.75 11.16
N ILE A 76 -19.65 9.41 10.55
CA ILE A 76 -21.06 9.08 10.78
C ILE A 76 -21.39 8.03 9.71
N GLY A 77 -21.57 6.79 10.14
CA GLY A 77 -21.86 5.73 9.20
C GLY A 77 -23.15 5.91 8.42
N ASN A 78 -23.14 5.50 7.16
CA ASN A 78 -24.31 5.61 6.31
C ASN A 78 -25.34 4.54 6.58
N GLY A 79 -24.95 3.47 7.27
CA GLY A 79 -25.91 2.41 7.51
C GLY A 79 -26.30 1.70 6.23
N GLY A 80 -25.32 1.40 5.39
CA GLY A 80 -25.62 0.69 4.15
C GLY A 80 -24.85 1.25 2.96
N PRO A 81 -25.01 0.65 1.79
CA PRO A 81 -24.31 1.09 0.57
C PRO A 81 -24.40 2.58 0.32
N LEU A 82 -23.32 3.12 -0.22
CA LEU A 82 -23.26 4.54 -0.54
C LEU A 82 -23.90 4.77 -1.90
N HIS A 83 -24.47 5.95 -2.08
CA HIS A 83 -25.12 6.24 -3.34
C HIS A 83 -24.93 7.61 -3.90
N ALA A 84 -24.91 7.68 -5.24
CA ALA A 84 -24.84 8.93 -5.97
C ALA A 84 -25.28 8.61 -7.40
N GLU A 85 -25.80 9.63 -8.07
CA GLU A 85 -26.25 9.47 -9.45
C GLU A 85 -25.72 10.66 -10.24
N GLY A 86 -26.18 10.76 -11.48
CA GLY A 86 -25.76 11.86 -12.34
C GLY A 86 -24.33 11.73 -12.84
N ALA A 87 -23.83 10.50 -12.87
CA ALA A 87 -22.46 10.22 -13.31
C ALA A 87 -21.48 11.07 -12.52
N LEU A 88 -21.72 11.17 -11.21
CA LEU A 88 -20.85 11.93 -10.31
C LEU A 88 -19.43 11.45 -10.49
N GLU A 89 -18.50 12.35 -10.76
CA GLU A 89 -17.12 11.92 -10.93
C GLU A 89 -16.33 12.02 -9.65
N LEU A 90 -15.69 10.90 -9.28
CA LEU A 90 -14.83 10.83 -8.10
C LEU A 90 -13.40 10.72 -8.63
N PHE A 91 -12.57 11.70 -8.26
CA PHE A 91 -11.17 11.73 -8.70
C PHE A 91 -10.36 11.08 -7.59
N LEU A 92 -9.65 10.01 -7.94
CA LEU A 92 -8.94 9.23 -6.93
C LEU A 92 -7.42 9.23 -7.01
N GLY A 93 -6.86 10.27 -7.64
CA GLY A 93 -5.41 10.38 -7.77
C GLY A 93 -4.79 9.14 -8.36
N ASN A 94 -3.84 8.54 -7.64
CA ASN A 94 -3.26 7.29 -8.11
C ASN A 94 -3.38 6.29 -6.96
N ALA A 95 -4.47 6.44 -6.21
CA ALA A 95 -4.72 5.56 -5.05
C ALA A 95 -5.43 4.27 -5.46
N GLY A 96 -4.66 3.20 -5.64
CA GLY A 96 -5.28 1.95 -6.01
C GLY A 96 -6.25 1.47 -4.93
N THR A 97 -5.90 1.67 -3.67
CA THR A 97 -6.79 1.18 -2.63
C THR A 97 -8.13 1.88 -2.71
N ALA A 98 -8.15 3.14 -3.15
CA ALA A 98 -9.45 3.78 -3.24
C ALA A 98 -10.16 3.36 -4.54
N MET A 99 -9.42 3.34 -5.65
CA MET A 99 -9.99 2.96 -6.94
C MET A 99 -10.58 1.56 -6.94
N ARG A 100 -9.78 0.58 -6.50
CA ARG A 100 -10.28 -0.79 -6.54
C ARG A 100 -11.40 -1.01 -5.55
N LEU A 101 -11.24 -0.52 -4.32
CA LEU A 101 -12.30 -0.75 -3.31
C LEU A 101 -13.62 -0.07 -3.67
N LEU A 102 -13.55 1.18 -4.12
CA LEU A 102 -14.79 1.86 -4.48
C LEU A 102 -15.38 1.29 -5.77
N ALA A 103 -14.55 0.81 -6.69
CA ALA A 103 -15.10 0.27 -7.92
C ALA A 103 -16.05 -0.86 -7.58
N ALA A 104 -15.70 -1.66 -6.58
CA ALA A 104 -16.58 -2.76 -6.18
C ALA A 104 -17.73 -2.27 -5.30
N ALA A 105 -17.40 -1.52 -4.26
CA ALA A 105 -18.45 -1.13 -3.31
C ALA A 105 -19.58 -0.35 -3.94
N LEU A 106 -19.25 0.52 -4.88
CA LEU A 106 -20.27 1.35 -5.49
C LEU A 106 -21.12 0.65 -6.53
N CYS A 107 -20.89 -0.65 -6.71
CA CYS A 107 -21.70 -1.46 -7.62
C CYS A 107 -22.94 -1.97 -6.88
N LEU A 108 -23.03 -1.72 -5.57
CA LEU A 108 -24.20 -2.17 -4.81
C LEU A 108 -25.39 -1.26 -5.06
N GLY A 109 -26.54 -1.85 -5.37
CA GLY A 109 -27.74 -1.08 -5.62
C GLY A 109 -27.71 -0.47 -7.00
N SER A 110 -28.24 0.73 -7.07
CA SER A 110 -28.29 1.50 -8.28
C SER A 110 -27.38 2.65 -7.94
N ASN A 111 -26.68 3.13 -8.94
CA ASN A 111 -25.79 4.27 -8.82
C ASN A 111 -25.46 4.64 -10.24
N ASP A 112 -24.85 5.81 -10.38
CA ASP A 112 -24.35 6.27 -11.68
C ASP A 112 -23.20 7.15 -11.26
N ILE A 113 -22.02 6.53 -11.20
CA ILE A 113 -20.83 7.19 -10.72
C ILE A 113 -19.65 6.89 -11.62
N VAL A 114 -18.78 7.87 -11.79
CA VAL A 114 -17.58 7.68 -12.59
C VAL A 114 -16.36 7.77 -11.69
N LEU A 115 -15.46 6.78 -11.82
CA LEU A 115 -14.22 6.79 -11.06
C LEU A 115 -13.07 7.06 -12.02
N THR A 116 -12.26 8.06 -11.68
CA THR A 116 -11.12 8.36 -12.53
C THR A 116 -9.95 8.76 -11.63
N GLY A 117 -8.85 9.22 -12.23
CA GLY A 117 -7.71 9.62 -11.44
C GLY A 117 -6.65 10.25 -12.34
N GLU A 118 -5.43 10.24 -11.84
CA GLU A 118 -4.28 10.80 -12.56
C GLU A 118 -3.98 9.96 -13.77
N PRO A 119 -3.23 10.51 -14.73
CA PRO A 119 -2.89 9.77 -15.94
C PRO A 119 -2.36 8.36 -15.69
N ARG A 120 -1.49 8.21 -14.70
CA ARG A 120 -0.94 6.88 -14.45
C ARG A 120 -2.03 5.92 -14.01
N MET A 121 -3.03 6.41 -13.29
CA MET A 121 -4.07 5.49 -12.86
C MET A 121 -4.86 4.91 -14.04
N LYS A 122 -4.90 5.66 -15.14
CA LYS A 122 -5.61 5.20 -16.33
C LYS A 122 -4.78 4.15 -17.05
N GLU A 123 -3.59 3.86 -16.53
CA GLU A 123 -2.70 2.84 -17.08
C GLU A 123 -2.54 1.66 -16.12
N ARG A 124 -3.24 1.68 -14.99
CA ARG A 124 -3.13 0.60 -14.00
C ARG A 124 -4.35 -0.28 -14.17
N PRO A 125 -4.12 -1.58 -14.34
CA PRO A 125 -5.21 -2.53 -14.57
C PRO A 125 -6.30 -2.69 -13.56
N ILE A 126 -7.50 -2.91 -14.07
CA ILE A 126 -8.63 -3.16 -13.20
C ILE A 126 -9.61 -4.14 -13.85
N GLY A 127 -9.23 -4.65 -15.02
CA GLY A 127 -10.09 -5.59 -15.75
C GLY A 127 -10.50 -6.83 -14.98
N HIS A 128 -9.57 -7.39 -14.20
CA HIS A 128 -9.92 -8.58 -13.43
C HIS A 128 -11.03 -8.33 -12.42
N LEU A 129 -11.03 -7.14 -11.82
CA LEU A 129 -12.08 -6.80 -10.86
C LEU A 129 -13.39 -6.55 -11.60
N VAL A 130 -13.32 -5.81 -12.71
CA VAL A 130 -14.53 -5.54 -13.48
C VAL A 130 -15.16 -6.85 -13.97
N ASP A 131 -14.34 -7.78 -14.44
CA ASP A 131 -14.84 -9.07 -14.92
C ASP A 131 -15.61 -9.76 -13.78
N ALA A 132 -15.04 -9.77 -12.58
CA ALA A 132 -15.69 -10.42 -11.45
C ALA A 132 -17.00 -9.73 -11.05
N LEU A 133 -16.99 -8.41 -10.99
CA LEU A 133 -18.19 -7.65 -10.63
C LEU A 133 -19.32 -7.89 -11.62
N ARG A 134 -18.99 -7.97 -12.90
CA ARG A 134 -20.00 -8.23 -13.93
C ARG A 134 -20.57 -9.63 -13.75
N LEU A 135 -19.74 -10.61 -13.39
CA LEU A 135 -20.30 -11.96 -13.20
C LEU A 135 -21.34 -11.94 -12.07
N GLY A 136 -21.17 -10.99 -11.14
CA GLY A 136 -22.09 -10.83 -10.03
C GLY A 136 -23.29 -9.94 -10.32
N GLY A 137 -23.35 -9.42 -11.54
CA GLY A 137 -24.49 -8.60 -11.95
C GLY A 137 -24.25 -7.12 -12.21
N ALA A 138 -23.06 -6.63 -11.87
CA ALA A 138 -22.78 -5.22 -12.06
C ALA A 138 -22.72 -4.75 -13.51
N LYS A 139 -23.15 -3.50 -13.72
CA LYS A 139 -23.06 -2.87 -15.03
C LYS A 139 -21.89 -1.90 -14.90
N ILE A 140 -20.84 -2.12 -15.70
CA ILE A 140 -19.65 -1.28 -15.67
C ILE A 140 -19.20 -0.98 -17.08
N THR A 141 -18.90 0.29 -17.34
CA THR A 141 -18.44 0.72 -18.66
C THR A 141 -17.04 1.33 -18.57
N TYR A 142 -16.17 0.93 -19.50
CA TYR A 142 -14.83 1.50 -19.60
C TYR A 142 -15.03 2.72 -20.48
N LEU A 143 -14.68 3.90 -19.97
CA LEU A 143 -14.85 5.13 -20.72
C LEU A 143 -13.68 5.44 -21.63
N GLU A 144 -12.52 4.82 -21.38
CA GLU A 144 -11.36 5.02 -22.24
C GLU A 144 -10.83 3.64 -22.62
N GLN A 145 -9.63 3.27 -22.20
CA GLN A 145 -9.08 1.97 -22.58
C GLN A 145 -9.74 0.82 -21.81
N GLU A 146 -10.12 -0.22 -22.56
CA GLU A 146 -10.70 -1.43 -21.99
C GLU A 146 -9.72 -1.97 -20.96
N ASN A 147 -10.25 -2.39 -19.81
CA ASN A 147 -9.50 -2.96 -18.69
C ASN A 147 -8.83 -1.97 -17.75
N TYR A 148 -9.08 -0.69 -17.96
CA TYR A 148 -8.48 0.34 -17.11
C TYR A 148 -9.46 1.44 -16.76
N PRO A 149 -9.18 2.19 -15.67
CA PRO A 149 -10.07 3.30 -15.32
C PRO A 149 -9.85 4.30 -16.49
N PRO A 150 -10.76 5.27 -16.68
CA PRO A 150 -11.95 5.50 -15.86
C PRO A 150 -13.11 4.55 -16.12
N LEU A 151 -13.92 4.38 -15.07
CA LEU A 151 -15.08 3.49 -15.12
C LEU A 151 -16.34 4.24 -14.82
N ARG A 152 -17.43 3.85 -15.48
CA ARG A 152 -18.75 4.40 -15.16
C ARG A 152 -19.48 3.20 -14.54
N LEU A 153 -19.90 3.36 -13.28
CA LEU A 153 -20.56 2.31 -12.53
C LEU A 153 -22.04 2.56 -12.49
N GLN A 154 -22.83 1.59 -12.94
CA GLN A 154 -24.27 1.79 -12.89
C GLN A 154 -24.99 0.80 -12.01
N GLY A 155 -24.22 0.14 -11.14
CA GLY A 155 -24.78 -0.78 -10.16
C GLY A 155 -25.21 -2.15 -10.61
N GLY A 156 -25.96 -2.83 -9.73
CA GLY A 156 -26.44 -4.15 -10.06
C GLY A 156 -25.73 -5.37 -9.49
N PHE A 157 -24.68 -5.18 -8.69
CA PHE A 157 -24.02 -6.34 -8.13
C PHE A 157 -24.94 -6.96 -7.08
N THR A 158 -25.40 -8.18 -7.35
CA THR A 158 -26.31 -8.84 -6.41
C THR A 158 -25.72 -10.05 -5.70
N GLY A 159 -24.58 -10.56 -6.19
CA GLY A 159 -23.96 -11.72 -5.59
C GLY A 159 -23.93 -12.89 -6.57
N GLY A 160 -23.82 -14.10 -6.04
CA GLY A 160 -23.80 -15.27 -6.91
C GLY A 160 -22.42 -15.90 -7.02
N ASN A 161 -22.19 -16.67 -8.08
CA ASN A 161 -20.88 -17.29 -8.27
C ASN A 161 -20.01 -16.33 -9.05
N VAL A 162 -18.92 -15.91 -8.41
CA VAL A 162 -17.99 -14.95 -8.99
C VAL A 162 -16.56 -15.50 -9.05
N ASP A 163 -15.96 -15.53 -10.25
CA ASP A 163 -14.57 -15.94 -10.36
C ASP A 163 -13.78 -14.63 -10.37
N VAL A 164 -12.57 -14.68 -9.84
CA VAL A 164 -11.69 -13.51 -9.89
C VAL A 164 -10.25 -13.98 -10.06
N ASP A 165 -9.54 -13.28 -10.95
CA ASP A 165 -8.13 -13.56 -11.22
C ASP A 165 -7.36 -12.86 -10.09
N GLY A 166 -6.49 -13.61 -9.43
CA GLY A 166 -5.71 -13.02 -8.36
C GLY A 166 -4.24 -12.90 -8.72
N SER A 167 -3.89 -13.03 -9.99
CA SER A 167 -2.48 -13.01 -10.41
C SER A 167 -1.79 -11.68 -10.61
N VAL A 168 -2.57 -10.60 -10.66
CA VAL A 168 -2.00 -9.26 -10.88
C VAL A 168 -2.14 -8.37 -9.64
N SER A 169 -3.30 -8.41 -8.99
CA SER A 169 -3.49 -7.62 -7.77
C SER A 169 -4.38 -8.32 -6.78
N SER A 170 -3.99 -8.29 -5.52
CA SER A 170 -4.84 -8.87 -4.48
C SER A 170 -5.98 -7.88 -4.19
N GLN A 171 -5.84 -6.64 -4.65
CA GLN A 171 -6.88 -5.66 -4.36
C GLN A 171 -8.22 -5.98 -4.97
N PHE A 172 -8.22 -6.70 -6.08
CA PHE A 172 -9.48 -7.05 -6.71
C PHE A 172 -10.25 -7.98 -5.77
N LEU A 173 -9.58 -9.00 -5.23
CA LEU A 173 -10.23 -9.89 -4.28
C LEU A 173 -10.62 -9.12 -3.02
N THR A 174 -9.75 -8.27 -2.51
CA THR A 174 -10.10 -7.47 -1.33
C THR A 174 -11.39 -6.68 -1.56
N ALA A 175 -11.49 -6.03 -2.72
CA ALA A 175 -12.67 -5.23 -3.01
C ALA A 175 -13.92 -6.07 -3.04
N LEU A 176 -13.82 -7.25 -3.65
CA LEU A 176 -14.98 -8.13 -3.69
C LEU A 176 -15.38 -8.60 -2.29
N LEU A 177 -14.38 -8.97 -1.48
CA LEU A 177 -14.67 -9.43 -0.10
C LEU A 177 -15.39 -8.37 0.73
N MET A 178 -14.97 -7.11 0.61
CA MET A 178 -15.60 -6.05 1.38
C MET A 178 -17.00 -5.71 0.92
N THR A 179 -17.25 -5.90 -0.37
CA THR A 179 -18.53 -5.58 -0.98
C THR A 179 -19.61 -6.65 -0.85
N ALA A 180 -19.21 -7.89 -1.08
CA ALA A 180 -20.16 -9.00 -1.08
C ALA A 180 -21.11 -9.15 0.12
N PRO A 181 -20.63 -8.90 1.35
CA PRO A 181 -21.54 -9.05 2.51
C PRO A 181 -22.82 -8.22 2.43
N LEU A 182 -22.74 -7.09 1.75
CA LEU A 182 -23.89 -6.19 1.65
C LEU A 182 -24.76 -6.46 0.43
N ALA A 183 -24.37 -7.43 -0.40
CA ALA A 183 -25.16 -7.78 -1.58
C ALA A 183 -26.35 -8.58 -1.08
N PRO A 184 -27.47 -8.54 -1.81
CA PRO A 184 -28.67 -9.27 -1.36
C PRO A 184 -28.54 -10.80 -1.37
N GLU A 185 -27.81 -11.34 -2.32
CA GLU A 185 -27.63 -12.78 -2.42
C GLU A 185 -26.26 -13.20 -1.91
N ASP A 186 -26.13 -14.50 -1.59
CA ASP A 186 -24.86 -15.03 -1.12
C ASP A 186 -23.91 -15.04 -2.33
N THR A 187 -22.61 -14.94 -2.06
CA THR A 187 -21.59 -14.91 -3.10
C THR A 187 -20.51 -15.95 -2.81
N VAL A 188 -20.09 -16.67 -3.85
CA VAL A 188 -19.00 -17.63 -3.72
C VAL A 188 -17.94 -17.05 -4.64
N ILE A 189 -16.83 -16.59 -4.08
CA ILE A 189 -15.74 -16.02 -4.86
C ILE A 189 -14.67 -17.07 -5.08
N ARG A 190 -14.44 -17.43 -6.33
CA ARG A 190 -13.41 -18.43 -6.62
C ARG A 190 -12.20 -17.80 -7.27
N ILE A 191 -11.02 -18.07 -6.71
CA ILE A 191 -9.77 -17.51 -7.27
C ILE A 191 -9.39 -18.40 -8.45
N LYS A 192 -9.14 -17.79 -9.60
CA LYS A 192 -8.84 -18.56 -10.81
C LYS A 192 -7.56 -19.38 -10.77
N GLY A 193 -6.48 -18.75 -10.32
CA GLY A 193 -5.19 -19.42 -10.27
C GLY A 193 -4.35 -18.93 -9.12
N ASP A 194 -3.22 -18.29 -9.43
CA ASP A 194 -2.34 -17.79 -8.38
C ASP A 194 -2.93 -16.55 -7.71
N LEU A 195 -2.51 -16.30 -6.49
CA LEU A 195 -2.92 -15.11 -5.74
C LEU A 195 -1.65 -14.42 -5.26
N VAL A 196 -1.41 -13.21 -5.74
CA VAL A 196 -0.23 -12.47 -5.31
C VAL A 196 -0.59 -11.57 -4.15
N SER A 197 0.44 -11.08 -3.44
CA SER A 197 0.24 -10.16 -2.32
C SER A 197 -0.77 -10.70 -1.32
N LYS A 198 -0.69 -12.01 -1.07
CA LYS A 198 -1.62 -12.68 -0.18
C LYS A 198 -1.82 -12.05 1.21
N PRO A 199 -0.76 -11.57 1.86
CA PRO A 199 -0.96 -10.98 3.19
C PRO A 199 -1.97 -9.83 3.25
N TYR A 200 -2.18 -9.14 2.13
CA TYR A 200 -3.13 -8.04 2.18
C TYR A 200 -4.55 -8.54 2.33
N ILE A 201 -4.80 -9.78 1.91
CA ILE A 201 -6.13 -10.37 2.08
C ILE A 201 -6.38 -10.55 3.57
N ASP A 202 -5.35 -10.89 4.34
CA ASP A 202 -5.53 -11.05 5.78
C ASP A 202 -5.86 -9.69 6.41
N ILE A 203 -5.30 -8.60 5.88
CA ILE A 203 -5.63 -7.28 6.41
C ILE A 203 -7.12 -7.03 6.18
N THR A 204 -7.59 -7.34 4.98
CA THR A 204 -9.00 -7.14 4.63
C THR A 204 -9.93 -7.92 5.55
N LEU A 205 -9.65 -9.20 5.76
CA LEU A 205 -10.51 -10.00 6.62
C LEU A 205 -10.49 -9.52 8.07
N ASN A 206 -9.33 -9.05 8.51
CA ASN A 206 -9.20 -8.53 9.87
C ASN A 206 -10.10 -7.30 10.01
N LEU A 207 -10.02 -6.36 9.07
CA LEU A 207 -10.84 -5.17 9.16
C LEU A 207 -12.34 -5.49 9.07
N MET A 208 -12.70 -6.40 8.17
CA MET A 208 -14.11 -6.77 8.05
C MET A 208 -14.61 -7.32 9.37
N LYS A 209 -13.81 -8.17 10.02
CA LYS A 209 -14.25 -8.73 11.30
C LYS A 209 -14.41 -7.64 12.35
N THR A 210 -13.51 -6.66 12.34
CA THR A 210 -13.62 -5.55 13.28
C THR A 210 -14.95 -4.84 13.11
N PHE A 211 -15.40 -4.75 11.86
CA PHE A 211 -16.65 -4.09 11.54
C PHE A 211 -17.85 -5.03 11.53
N GLY A 212 -17.67 -6.19 12.19
CA GLY A 212 -18.78 -7.13 12.36
C GLY A 212 -19.10 -8.18 11.32
N VAL A 213 -18.20 -8.42 10.38
CA VAL A 213 -18.48 -9.40 9.34
C VAL A 213 -17.38 -10.44 9.16
N GLU A 214 -17.79 -11.70 9.12
CA GLU A 214 -16.86 -12.78 8.89
C GLU A 214 -17.35 -13.56 7.68
N ILE A 215 -16.42 -14.23 7.02
CA ILE A 215 -16.74 -15.03 5.86
C ILE A 215 -16.01 -16.36 5.97
N GLU A 216 -16.30 -17.27 5.06
CA GLU A 216 -15.65 -18.58 5.08
C GLU A 216 -14.52 -18.60 4.07
N ASN A 217 -13.29 -18.69 4.57
CA ASN A 217 -12.11 -18.70 3.72
C ASN A 217 -11.65 -20.15 3.53
N GLN A 218 -11.80 -20.66 2.31
CA GLN A 218 -11.39 -22.02 2.03
C GLN A 218 -9.98 -22.03 1.42
N HIS A 219 -8.98 -21.99 2.28
CA HIS A 219 -7.56 -21.99 1.90
C HIS A 219 -7.19 -20.98 0.81
N TYR A 220 -7.82 -19.81 0.87
CA TYR A 220 -7.58 -18.72 -0.08
C TYR A 220 -7.84 -19.07 -1.53
N GLN A 221 -8.57 -20.16 -1.75
CA GLN A 221 -8.90 -20.61 -3.10
C GLN A 221 -10.34 -20.23 -3.43
N GLN A 222 -11.16 -20.21 -2.39
CA GLN A 222 -12.57 -19.89 -2.53
C GLN A 222 -13.08 -19.26 -1.24
N PHE A 223 -13.89 -18.22 -1.38
CA PHE A 223 -14.44 -17.54 -0.22
C PHE A 223 -15.96 -17.55 -0.30
N VAL A 224 -16.61 -18.01 0.76
CA VAL A 224 -18.06 -18.09 0.80
C VAL A 224 -18.57 -16.97 1.69
N VAL A 225 -19.39 -16.10 1.09
CA VAL A 225 -19.92 -14.93 1.77
C VAL A 225 -21.42 -14.95 1.83
N LYS A 226 -21.99 -14.72 3.00
CA LYS A 226 -23.43 -14.64 3.13
C LYS A 226 -23.84 -13.20 2.83
N GLY A 227 -24.88 -13.04 2.04
CA GLY A 227 -25.36 -11.70 1.73
C GLY A 227 -26.32 -11.20 2.82
N GLY A 228 -26.80 -9.98 2.63
CA GLY A 228 -27.73 -9.35 3.55
C GLY A 228 -27.19 -8.94 4.90
N GLN A 229 -25.87 -8.81 4.99
CA GLN A 229 -25.23 -8.42 6.24
C GLN A 229 -25.10 -6.90 6.29
N SER A 230 -24.67 -6.42 7.45
CA SER A 230 -24.48 -5.01 7.68
C SER A 230 -23.21 -4.81 8.49
N TYR A 231 -22.42 -3.80 8.13
CA TYR A 231 -21.24 -3.50 8.92
C TYR A 231 -21.68 -2.66 10.12
N GLN A 232 -20.96 -2.83 11.24
CA GLN A 232 -21.30 -2.13 12.46
C GLN A 232 -20.09 -1.39 13.00
N SER A 233 -20.28 -0.16 13.45
CA SER A 233 -19.17 0.61 14.01
C SER A 233 -18.52 -0.11 15.18
N PRO A 234 -17.17 -0.14 15.21
CA PRO A 234 -16.45 -0.79 16.31
C PRO A 234 -16.21 0.21 17.45
N GLY A 235 -16.75 1.42 17.30
CA GLY A 235 -16.55 2.46 18.31
C GLY A 235 -15.24 3.14 17.97
N THR A 236 -14.28 3.13 18.88
CA THR A 236 -12.99 3.74 18.64
C THR A 236 -12.07 2.65 18.12
N TYR A 237 -11.32 2.97 17.07
CA TYR A 237 -10.43 2.00 16.46
C TYR A 237 -9.08 2.67 16.16
N LEU A 238 -8.01 2.01 16.60
CA LEU A 238 -6.64 2.49 16.39
C LEU A 238 -6.01 1.89 15.15
N VAL A 239 -5.69 2.76 14.20
CA VAL A 239 -5.04 2.35 12.95
C VAL A 239 -3.55 2.07 13.26
N GLU A 240 -3.08 0.90 12.88
CA GLU A 240 -1.68 0.54 13.07
C GLU A 240 -0.76 1.52 12.33
N GLY A 241 0.46 1.66 12.83
CA GLY A 241 1.44 2.47 12.13
C GLY A 241 1.73 1.74 10.83
N ASP A 242 2.26 2.45 9.84
CA ASP A 242 2.51 1.84 8.53
C ASP A 242 3.82 1.04 8.47
N ALA A 243 3.71 -0.27 8.28
CA ALA A 243 4.88 -1.14 8.22
C ALA A 243 5.72 -0.92 6.97
N SER A 244 5.09 -0.47 5.89
CA SER A 244 5.86 -0.21 4.66
C SER A 244 6.69 1.05 4.90
N SER A 245 6.07 2.07 5.49
CA SER A 245 6.79 3.30 5.82
C SER A 245 7.93 3.03 6.80
N ALA A 246 7.73 2.05 7.67
CA ALA A 246 8.76 1.70 8.64
C ALA A 246 10.02 1.12 7.99
N SER A 247 9.87 0.52 6.82
CA SER A 247 11.00 -0.17 6.20
C SER A 247 12.25 0.66 5.99
N TYR A 248 12.06 1.93 5.63
CA TYR A 248 13.19 2.79 5.36
C TYR A 248 14.05 3.02 6.58
N PHE A 249 13.39 3.19 7.72
CA PHE A 249 14.09 3.49 8.96
C PHE A 249 14.79 2.27 9.53
N LEU A 250 14.14 1.10 9.43
CA LEU A 250 14.77 -0.13 9.91
C LEU A 250 15.96 -0.45 9.00
N ALA A 251 15.78 -0.27 7.68
CA ALA A 251 16.88 -0.52 6.76
C ALA A 251 18.00 0.46 7.02
N ALA A 252 17.66 1.72 7.31
CA ALA A 252 18.74 2.67 7.59
C ALA A 252 19.65 2.21 8.72
N ALA A 253 19.07 1.62 9.77
CA ALA A 253 19.87 1.11 10.90
C ALA A 253 20.69 -0.10 10.46
N ALA A 254 20.10 -0.96 9.64
CA ALA A 254 20.81 -2.13 9.17
C ALA A 254 22.05 -1.72 8.37
N ILE A 255 21.97 -0.56 7.70
CA ILE A 255 23.09 -0.05 6.92
C ILE A 255 24.08 0.83 7.70
N LYS A 256 23.55 1.70 8.54
CA LYS A 256 24.37 2.71 9.19
C LYS A 256 24.08 2.97 10.65
N GLY A 257 23.45 2.02 11.35
CA GLY A 257 23.17 2.21 12.76
C GLY A 257 24.36 1.83 13.64
N GLY A 258 24.23 1.96 14.95
CA GLY A 258 23.03 2.50 15.59
C GLY A 258 21.85 1.57 15.69
N THR A 259 20.86 2.01 16.47
CA THR A 259 19.61 1.26 16.63
C THR A 259 18.48 2.22 16.31
N VAL A 260 17.56 1.81 15.44
CA VAL A 260 16.41 2.63 15.14
C VAL A 260 15.19 1.83 15.52
N LYS A 261 14.35 2.46 16.32
CA LYS A 261 13.11 1.83 16.76
C LYS A 261 11.92 2.53 16.11
N VAL A 262 10.97 1.77 15.60
CA VAL A 262 9.78 2.38 15.05
C VAL A 262 8.63 1.96 15.96
N THR A 263 7.75 2.90 16.28
CA THR A 263 6.64 2.58 17.17
C THR A 263 5.33 2.66 16.41
N GLY A 264 4.34 1.92 16.88
CA GLY A 264 3.05 1.91 16.21
C GLY A 264 2.77 0.58 15.52
N ILE A 265 3.80 -0.26 15.42
CA ILE A 265 3.66 -1.61 14.87
C ILE A 265 4.50 -2.48 15.77
N GLY A 266 4.17 -3.77 15.81
CA GLY A 266 4.91 -4.66 16.68
C GLY A 266 4.65 -6.09 16.26
N ARG A 267 4.97 -7.03 17.14
CA ARG A 267 4.83 -8.44 16.81
C ARG A 267 3.40 -8.90 16.48
N ASN A 268 2.42 -8.16 16.97
CA ASN A 268 1.02 -8.52 16.76
C ASN A 268 0.39 -7.86 15.53
N SER A 269 1.17 -7.06 14.81
CA SER A 269 0.58 -6.38 13.65
C SER A 269 -0.01 -7.28 12.58
N MET A 270 -1.06 -6.79 11.94
CA MET A 270 -1.72 -7.53 10.88
C MET A 270 -1.08 -7.32 9.52
N GLN A 271 -0.19 -6.34 9.41
CA GLN A 271 0.47 -6.03 8.13
C GLN A 271 1.56 -7.00 7.73
N GLY A 272 1.50 -7.45 6.49
CA GLY A 272 2.52 -8.38 6.06
C GLY A 272 3.89 -7.74 5.97
N ASP A 273 3.97 -6.43 5.82
CA ASP A 273 5.29 -5.83 5.68
C ASP A 273 6.14 -5.82 6.94
N ILE A 274 5.59 -6.27 8.07
CA ILE A 274 6.48 -6.38 9.22
C ILE A 274 7.48 -7.50 8.93
N ARG A 275 7.18 -8.38 7.95
CA ARG A 275 8.11 -9.45 7.60
C ARG A 275 9.37 -8.89 6.93
N PHE A 276 9.36 -7.60 6.60
CA PHE A 276 10.53 -6.96 6.04
C PHE A 276 11.66 -7.06 7.09
N ALA A 277 11.28 -6.98 8.36
CA ALA A 277 12.30 -7.06 9.43
C ALA A 277 13.01 -8.40 9.37
N ASP A 278 12.30 -9.45 9.01
CA ASP A 278 12.90 -10.77 8.91
C ASP A 278 13.95 -10.81 7.78
N VAL A 279 13.73 -10.06 6.71
CA VAL A 279 14.69 -10.02 5.62
C VAL A 279 15.96 -9.32 6.12
N LEU A 280 15.79 -8.23 6.87
CA LEU A 280 16.98 -7.55 7.39
C LEU A 280 17.75 -8.49 8.32
N GLU A 281 17.03 -9.30 9.09
CA GLU A 281 17.70 -10.22 9.99
C GLU A 281 18.48 -11.27 9.17
N LYS A 282 17.88 -11.74 8.08
CA LYS A 282 18.55 -12.71 7.21
C LYS A 282 19.81 -12.13 6.56
N MET A 283 19.82 -10.81 6.35
CA MET A 283 20.98 -10.12 5.79
C MET A 283 22.06 -9.87 6.84
N GLY A 284 21.73 -10.03 8.12
CA GLY A 284 22.76 -9.84 9.13
C GLY A 284 22.49 -8.77 10.18
N ALA A 285 21.34 -8.12 10.10
CA ALA A 285 21.01 -7.12 11.10
C ALA A 285 20.36 -7.78 12.31
N THR A 286 20.31 -7.06 13.42
CA THR A 286 19.69 -7.56 14.65
C THR A 286 18.33 -6.89 14.78
N ILE A 287 17.29 -7.68 15.03
CA ILE A 287 15.93 -7.15 15.17
C ILE A 287 15.38 -7.44 16.55
N CYS A 288 14.69 -6.46 17.13
CA CYS A 288 14.04 -6.65 18.42
C CYS A 288 12.57 -6.37 18.20
N TRP A 289 11.74 -7.23 18.77
CA TRP A 289 10.29 -7.12 18.64
C TRP A 289 9.64 -6.74 19.95
N GLY A 290 8.70 -5.83 19.88
CA GLY A 290 7.97 -5.42 21.07
C GLY A 290 6.50 -5.49 20.77
N ASP A 291 5.68 -5.12 21.75
CA ASP A 291 4.26 -5.15 21.53
C ASP A 291 3.88 -3.97 20.65
N ASP A 292 4.57 -2.84 20.82
CA ASP A 292 4.24 -1.69 20.02
C ASP A 292 5.47 -1.09 19.34
N TYR A 293 6.51 -1.90 19.15
CA TYR A 293 7.67 -1.41 18.40
C TYR A 293 8.40 -2.55 17.71
N ILE A 294 9.21 -2.16 16.74
CA ILE A 294 10.15 -3.07 16.10
C ILE A 294 11.42 -2.23 16.03
N SER A 295 12.56 -2.82 16.37
CA SER A 295 13.79 -2.05 16.25
C SER A 295 14.82 -2.85 15.48
N CYS A 296 15.74 -2.14 14.84
CA CYS A 296 16.81 -2.78 14.10
C CYS A 296 18.14 -2.17 14.55
N THR A 297 19.12 -3.04 14.77
CA THR A 297 20.44 -2.59 15.16
C THR A 297 21.44 -3.12 14.15
N ARG A 298 22.38 -2.27 13.76
CA ARG A 298 23.40 -2.64 12.78
C ARG A 298 24.17 -3.90 13.20
N GLY A 299 24.35 -4.80 12.27
CA GLY A 299 25.14 -6.01 12.49
C GLY A 299 26.04 -6.03 11.27
N GLU A 300 25.69 -6.86 10.30
CA GLU A 300 26.42 -6.86 9.05
C GLU A 300 25.36 -6.87 7.97
N LEU A 301 25.78 -6.81 6.71
CA LEU A 301 24.79 -6.81 5.65
C LEU A 301 25.25 -7.63 4.46
N ASN A 302 24.64 -8.79 4.31
CA ASN A 302 24.96 -9.73 3.26
C ASN A 302 23.82 -9.81 2.27
N ALA A 303 24.16 -10.00 1.02
CA ALA A 303 23.16 -10.12 -0.03
C ALA A 303 22.28 -11.35 0.16
N ILE A 304 21.05 -11.27 -0.35
CA ILE A 304 20.11 -12.37 -0.28
C ILE A 304 19.47 -12.59 -1.65
N ASP A 305 18.89 -13.77 -1.81
CA ASP A 305 18.19 -14.17 -3.04
C ASP A 305 16.86 -14.73 -2.53
N MET A 306 15.81 -13.94 -2.66
CA MET A 306 14.51 -14.32 -2.12
C MET A 306 13.31 -13.95 -2.98
N ASP A 307 12.27 -14.77 -2.84
CA ASP A 307 10.95 -14.53 -3.46
C ASP A 307 10.33 -13.46 -2.54
N MET A 308 9.99 -12.29 -3.09
CA MET A 308 9.45 -11.20 -2.30
C MET A 308 7.99 -10.93 -2.56
N ASN A 309 7.28 -11.88 -3.14
CA ASN A 309 5.86 -11.68 -3.45
C ASN A 309 4.99 -11.34 -2.24
N HIS A 310 5.43 -11.75 -1.05
CA HIS A 310 4.67 -11.48 0.18
C HIS A 310 4.86 -10.07 0.75
N ILE A 311 5.87 -9.36 0.25
CA ILE A 311 6.14 -7.98 0.73
C ILE A 311 6.61 -7.14 -0.46
N PRO A 312 5.78 -7.02 -1.50
CA PRO A 312 6.16 -6.26 -2.69
C PRO A 312 6.58 -4.81 -2.52
N ASP A 313 5.93 -4.12 -1.59
CA ASP A 313 6.22 -2.70 -1.39
C ASP A 313 7.51 -2.52 -0.59
N ALA A 314 7.57 -3.12 0.59
CA ALA A 314 8.78 -3.00 1.40
C ALA A 314 9.98 -3.63 0.68
N ALA A 315 9.73 -4.58 -0.24
CA ALA A 315 10.83 -5.18 -0.96
C ALA A 315 11.65 -4.16 -1.75
N MET A 316 11.03 -3.06 -2.17
CA MET A 316 11.81 -2.06 -2.91
C MET A 316 12.94 -1.53 -2.03
N THR A 317 12.71 -1.48 -0.72
CA THR A 317 13.72 -0.97 0.20
C THR A 317 14.94 -1.88 0.22
N ILE A 318 14.74 -3.17 0.01
CA ILE A 318 15.89 -4.07 -0.05
C ILE A 318 16.68 -3.78 -1.33
N ALA A 319 16.01 -3.37 -2.40
CA ALA A 319 16.78 -3.07 -3.62
C ALA A 319 17.84 -1.97 -3.42
N THR A 320 17.53 -0.90 -2.67
CA THR A 320 18.59 0.09 -2.45
C THR A 320 19.48 -0.32 -1.26
N ALA A 321 18.93 -1.02 -0.27
CA ALA A 321 19.79 -1.48 0.83
C ALA A 321 20.85 -2.42 0.24
N ALA A 322 20.52 -3.11 -0.86
CA ALA A 322 21.44 -4.04 -1.53
C ALA A 322 22.72 -3.32 -1.98
N LEU A 323 22.64 -2.01 -2.17
CA LEU A 323 23.84 -1.27 -2.58
C LEU A 323 24.94 -1.35 -1.52
N PHE A 324 24.53 -1.64 -0.28
CA PHE A 324 25.44 -1.68 0.85
C PHE A 324 25.78 -3.08 1.32
N ALA A 325 25.20 -4.07 0.67
CA ALA A 325 25.39 -5.46 1.07
C ALA A 325 26.56 -6.11 0.36
N LYS A 326 27.06 -7.18 0.98
CA LYS A 326 28.16 -7.94 0.41
C LYS A 326 27.58 -9.01 -0.51
N GLY A 327 27.87 -8.89 -1.80
CA GLY A 327 27.38 -9.87 -2.75
C GLY A 327 26.25 -9.35 -3.61
N THR A 328 25.74 -10.21 -4.48
CA THR A 328 24.66 -9.87 -5.41
C THR A 328 23.31 -10.24 -4.84
N THR A 329 22.40 -9.28 -4.80
CA THR A 329 21.06 -9.51 -4.27
C THR A 329 20.08 -9.75 -5.40
N THR A 330 19.19 -10.73 -5.22
CA THR A 330 18.18 -11.00 -6.21
C THR A 330 16.81 -11.02 -5.52
N LEU A 331 15.88 -10.25 -6.06
CA LEU A 331 14.52 -10.17 -5.53
C LEU A 331 13.65 -10.77 -6.63
N ARG A 332 12.91 -11.82 -6.27
CA ARG A 332 12.12 -12.57 -7.25
C ARG A 332 10.62 -12.52 -7.05
N ASN A 333 9.89 -12.87 -8.11
CA ASN A 333 8.43 -12.96 -8.07
C ASN A 333 7.77 -11.65 -7.69
N ILE A 334 8.22 -10.58 -8.34
CA ILE A 334 7.71 -9.24 -8.12
C ILE A 334 7.22 -8.60 -9.40
N TYR A 335 6.60 -9.39 -10.26
CA TYR A 335 6.09 -8.84 -11.51
C TYR A 335 5.21 -7.61 -11.33
N ASN A 336 4.33 -7.62 -10.32
CA ASN A 336 3.41 -6.48 -10.28
C ASN A 336 4.00 -5.15 -9.89
N TRP A 337 5.30 -5.14 -9.62
CA TRP A 337 6.00 -3.86 -9.46
C TRP A 337 5.74 -3.09 -10.77
N ARG A 338 5.55 -3.80 -11.89
CA ARG A 338 5.37 -3.14 -13.19
C ARG A 338 4.07 -2.40 -13.38
N VAL A 339 3.07 -2.71 -12.56
CA VAL A 339 1.76 -2.10 -12.74
C VAL A 339 1.31 -1.23 -11.58
N LYS A 340 2.28 -0.72 -10.83
CA LYS A 340 1.97 0.12 -9.68
C LYS A 340 2.20 1.60 -9.97
N GLU A 341 2.69 2.39 -9.00
CA GLU A 341 2.83 3.84 -9.25
C GLU A 341 3.58 4.19 -10.51
N THR A 342 4.53 3.33 -10.86
CA THR A 342 5.28 3.42 -12.11
C THR A 342 5.68 1.97 -12.41
N ASP A 343 6.35 1.71 -13.53
CA ASP A 343 6.82 0.34 -13.71
C ASP A 343 8.08 0.35 -12.83
N ARG A 344 7.97 -0.22 -11.63
CA ARG A 344 9.07 -0.20 -10.68
C ARG A 344 10.26 -1.06 -11.01
N LEU A 345 10.08 -2.11 -11.81
CA LEU A 345 11.26 -2.87 -12.18
C LEU A 345 12.13 -2.03 -13.14
N PHE A 346 11.49 -1.36 -14.09
CA PHE A 346 12.25 -0.50 -15.00
C PHE A 346 12.85 0.68 -14.23
N ALA A 347 12.04 1.30 -13.39
CA ALA A 347 12.51 2.48 -12.67
C ALA A 347 13.63 2.16 -11.68
N MET A 348 13.45 1.11 -10.90
CA MET A 348 14.49 0.76 -9.93
C MET A 348 15.79 0.38 -10.63
N ALA A 349 15.69 -0.40 -11.70
CA ALA A 349 16.93 -0.78 -12.39
C ALA A 349 17.64 0.45 -12.97
N THR A 350 16.87 1.34 -13.59
CA THR A 350 17.45 2.54 -14.20
C THR A 350 18.14 3.41 -13.17
N GLU A 351 17.48 3.66 -12.05
CA GLU A 351 18.08 4.56 -11.07
C GLU A 351 19.21 3.91 -10.30
N LEU A 352 19.12 2.61 -10.03
CA LEU A 352 20.23 1.94 -9.34
C LEU A 352 21.50 2.00 -10.19
N ARG A 353 21.37 1.85 -11.50
CA ARG A 353 22.56 1.91 -12.36
C ARG A 353 23.21 3.29 -12.29
N LYS A 354 22.41 4.32 -12.08
CA LYS A 354 22.93 5.69 -12.03
C LYS A 354 23.88 5.93 -10.88
N VAL A 355 23.74 5.18 -9.78
CA VAL A 355 24.65 5.34 -8.64
C VAL A 355 25.79 4.32 -8.69
N GLY A 356 25.84 3.53 -9.77
CA GLY A 356 26.95 2.61 -9.96
C GLY A 356 26.74 1.12 -9.95
N ALA A 357 25.54 0.68 -9.62
CA ALA A 357 25.31 -0.75 -9.56
C ALA A 357 25.15 -1.37 -10.94
N GLU A 358 25.49 -2.65 -11.02
CA GLU A 358 25.28 -3.45 -12.22
C GLU A 358 23.94 -4.13 -11.90
N VAL A 359 22.96 -3.97 -12.79
CA VAL A 359 21.64 -4.50 -12.53
C VAL A 359 21.05 -5.26 -13.70
N GLU A 360 20.50 -6.43 -13.41
CA GLU A 360 19.80 -7.18 -14.44
C GLU A 360 18.32 -6.96 -14.13
N GLU A 361 17.60 -6.34 -15.07
CA GLU A 361 16.18 -6.11 -14.92
C GLU A 361 15.49 -7.34 -15.51
N GLY A 362 15.07 -8.26 -14.66
CA GLY A 362 14.36 -9.44 -15.14
C GLY A 362 12.92 -9.09 -15.42
N HIS A 363 12.21 -9.97 -16.09
CA HIS A 363 10.82 -9.66 -16.34
C HIS A 363 10.03 -9.53 -15.04
N ASP A 364 10.34 -10.37 -14.06
CA ASP A 364 9.64 -10.34 -12.79
C ASP A 364 10.58 -10.48 -11.60
N TYR A 365 11.81 -10.05 -11.81
CA TYR A 365 12.82 -10.08 -10.75
C TYR A 365 13.87 -9.02 -11.04
N ILE A 366 14.70 -8.75 -10.06
CA ILE A 366 15.78 -7.80 -10.26
C ILE A 366 17.02 -8.35 -9.56
N ARG A 367 18.17 -8.25 -10.23
CA ARG A 367 19.44 -8.75 -9.67
C ARG A 367 20.36 -7.55 -9.60
N ILE A 368 20.90 -7.32 -8.40
CA ILE A 368 21.70 -6.13 -8.12
C ILE A 368 23.09 -6.44 -7.60
N THR A 369 24.12 -5.98 -8.33
CA THR A 369 25.50 -6.17 -7.89
C THR A 369 26.01 -4.79 -7.56
N PRO A 370 26.28 -4.54 -6.29
CA PRO A 370 26.76 -3.22 -5.87
C PRO A 370 28.13 -2.86 -6.36
N PRO A 371 28.38 -1.56 -6.50
CA PRO A 371 29.68 -1.08 -6.94
C PRO A 371 30.59 -1.06 -5.72
N GLU A 372 31.90 -0.95 -5.96
CA GLU A 372 32.84 -0.85 -4.84
C GLU A 372 32.51 0.43 -4.08
N LYS A 373 32.16 1.49 -4.81
CA LYS A 373 31.76 2.72 -4.15
C LYS A 373 30.68 3.40 -4.97
N LEU A 374 29.72 4.00 -4.28
CA LEU A 374 28.62 4.67 -4.95
C LEU A 374 29.07 6.00 -5.51
N ASN A 375 28.36 6.47 -6.52
CA ASN A 375 28.66 7.79 -7.07
C ASN A 375 27.40 8.65 -6.98
N PHE A 376 27.58 9.95 -7.11
CA PHE A 376 26.47 10.87 -7.05
C PHE A 376 25.53 10.69 -8.24
N ALA A 377 24.23 10.80 -7.97
CA ALA A 377 23.28 10.81 -9.07
C ALA A 377 22.10 11.70 -8.67
N GLU A 378 21.44 12.21 -9.70
CA GLU A 378 20.21 12.97 -9.57
C GLU A 378 19.17 11.89 -9.88
N ILE A 379 18.41 11.49 -8.87
CA ILE A 379 17.45 10.38 -9.02
C ILE A 379 16.07 10.82 -9.47
N ALA A 380 15.58 10.20 -10.54
CA ALA A 380 14.24 10.47 -11.06
C ALA A 380 13.31 9.61 -10.19
N THR A 381 12.14 10.14 -9.87
CA THR A 381 11.23 9.44 -9.01
C THR A 381 9.91 8.93 -9.57
N TYR A 382 9.64 9.24 -10.85
CA TYR A 382 8.49 8.62 -11.53
C TYR A 382 7.14 8.76 -10.84
N ASN A 383 6.95 9.89 -10.14
CA ASN A 383 5.70 10.14 -9.40
C ASN A 383 5.44 8.97 -8.46
N ASP A 384 6.52 8.43 -7.89
CA ASP A 384 6.41 7.26 -7.02
C ASP A 384 7.08 7.50 -5.67
N HIS A 385 6.23 7.73 -4.66
CA HIS A 385 6.73 7.94 -3.29
C HIS A 385 7.86 7.00 -2.90
N ARG A 386 7.75 5.72 -3.25
CA ARG A 386 8.79 4.79 -2.83
C ARG A 386 10.12 4.92 -3.56
N MET A 387 10.11 5.48 -4.77
CA MET A 387 11.39 5.67 -5.44
C MET A 387 12.14 6.74 -4.64
N ALA A 388 11.43 7.77 -4.21
CA ALA A 388 12.09 8.80 -3.42
C ALA A 388 12.59 8.25 -2.07
N MET A 389 11.75 7.51 -1.38
CA MET A 389 12.15 7.01 -0.08
C MET A 389 13.25 5.95 -0.19
N CYS A 390 13.14 5.07 -1.16
CA CYS A 390 14.21 4.05 -1.31
C CYS A 390 15.55 4.69 -1.61
N PHE A 391 15.57 5.68 -2.49
CA PHE A 391 16.86 6.25 -2.85
C PHE A 391 17.44 7.22 -1.83
N SER A 392 16.63 7.60 -0.85
CA SER A 392 17.17 8.45 0.20
C SER A 392 18.27 7.68 0.93
N LEU A 393 18.21 6.35 0.88
CA LEU A 393 19.19 5.52 1.59
C LEU A 393 20.59 5.62 0.98
N VAL A 394 20.68 6.13 -0.24
CA VAL A 394 21.98 6.29 -0.88
C VAL A 394 22.86 7.23 -0.04
N ALA A 395 22.24 8.17 0.67
CA ALA A 395 22.99 9.14 1.50
C ALA A 395 23.64 8.51 2.72
N LEU A 396 23.40 7.22 2.95
CA LEU A 396 24.05 6.55 4.09
C LEU A 396 25.47 6.14 3.66
N SER A 397 25.89 6.64 2.50
CA SER A 397 27.23 6.35 1.98
C SER A 397 28.09 7.61 2.13
N ASP A 398 29.22 7.63 1.43
CA ASP A 398 30.11 8.81 1.44
C ASP A 398 29.66 9.87 0.42
N THR A 399 28.64 9.56 -0.37
CA THR A 399 28.18 10.50 -1.38
C THR A 399 26.80 11.05 -1.14
N PRO A 400 26.61 12.33 -1.49
CA PRO A 400 25.29 12.93 -1.34
C PRO A 400 24.45 12.35 -2.50
N VAL A 401 23.15 12.59 -2.45
CA VAL A 401 22.26 12.15 -3.53
C VAL A 401 21.21 13.24 -3.68
N THR A 402 20.80 13.50 -4.92
CA THR A 402 19.76 14.49 -5.18
C THR A 402 18.54 13.72 -5.63
N ILE A 403 17.41 14.00 -4.98
CA ILE A 403 16.14 13.31 -5.25
C ILE A 403 15.18 14.29 -5.93
N LEU A 404 14.76 13.99 -7.17
CA LEU A 404 13.82 14.87 -7.87
C LEU A 404 12.41 14.68 -7.31
N ASP A 405 11.63 15.78 -7.33
CA ASP A 405 10.23 15.76 -6.89
C ASP A 405 10.06 15.06 -5.55
N PRO A 406 10.78 15.49 -4.52
CA PRO A 406 10.67 14.86 -3.21
C PRO A 406 9.29 14.86 -2.60
N LYS A 407 8.42 15.79 -3.01
CA LYS A 407 7.07 15.82 -2.45
C LYS A 407 6.23 14.63 -2.92
N CYS A 408 6.74 13.84 -3.86
CA CYS A 408 5.97 12.69 -4.29
C CYS A 408 5.82 11.72 -3.11
N THR A 409 6.62 11.88 -2.05
CA THR A 409 6.46 10.96 -0.91
C THR A 409 5.09 11.15 -0.24
N ALA A 410 4.42 12.27 -0.52
CA ALA A 410 3.12 12.54 0.07
C ALA A 410 2.05 11.51 -0.26
N LYS A 411 2.28 10.64 -1.23
CA LYS A 411 1.25 9.65 -1.53
C LYS A 411 0.93 8.84 -0.27
N THR A 412 1.96 8.54 0.54
CA THR A 412 1.79 7.79 1.77
C THR A 412 2.54 8.33 2.96
N PHE A 413 3.42 9.32 2.76
CA PHE A 413 4.28 9.74 3.89
C PHE A 413 4.80 11.14 3.65
N PRO A 414 3.93 12.12 3.80
CA PRO A 414 4.28 13.53 3.59
C PRO A 414 5.53 13.98 4.35
N ASP A 415 5.67 13.53 5.60
CA ASP A 415 6.80 13.97 6.42
C ASP A 415 8.04 13.09 6.36
N TYR A 416 8.15 12.26 5.32
CA TYR A 416 9.28 11.35 5.26
C TYR A 416 10.66 11.95 5.50
N PHE A 417 11.02 12.98 4.75
CA PHE A 417 12.37 13.50 4.92
C PHE A 417 12.66 14.10 6.28
N GLU A 418 11.68 14.74 6.90
CA GLU A 418 11.96 15.27 8.23
C GLU A 418 12.13 14.10 9.22
N GLN A 419 11.38 13.00 9.02
CA GLN A 419 11.53 11.84 9.90
C GLN A 419 12.90 11.17 9.70
N LEU A 420 13.38 11.06 8.45
CA LEU A 420 14.69 10.49 8.21
C LEU A 420 15.73 11.38 8.89
N ALA A 421 15.56 12.70 8.78
CA ALA A 421 16.49 13.64 9.40
C ALA A 421 16.50 13.49 10.91
N ARG A 422 15.36 13.17 11.51
CA ARG A 422 15.26 13.00 12.95
C ARG A 422 16.23 11.93 13.48
N ILE A 423 16.41 10.86 12.71
CA ILE A 423 17.32 9.81 13.14
C ILE A 423 18.72 9.90 12.52
N SER A 424 18.96 10.93 11.70
CA SER A 424 20.26 11.13 11.06
C SER A 424 21.18 11.84 12.03
N GLN A 425 22.34 11.26 12.30
CA GLN A 425 23.28 11.81 13.27
C GLN A 425 24.60 12.10 12.61
N ALA A 426 25.31 13.11 13.10
CA ALA A 426 26.58 13.45 12.49
C ALA A 426 27.75 12.72 13.12
N ALA A 427 27.53 12.22 14.34
CA ALA A 427 28.56 11.53 15.08
C ALA A 427 28.00 10.25 15.69
P1 GPJ B . -1.77 1.29 -4.70
O1 GPJ B . -1.97 1.41 -3.24
O2 GPJ B . -2.62 0.28 -5.37
O3 GPJ B . -1.89 2.66 -5.36
O4 GPJ B . 2.26 1.72 -1.87
O5 GPJ B . 4.07 0.82 -2.76
C1 GPJ B . -0.17 0.70 -4.97
C2 GPJ B . 2.12 0.63 -3.97
C3 GPJ B . 2.88 1.08 -2.79
N1 GPJ B . 0.72 1.06 -3.90
C1 S3P C . -2.43 -3.04 -0.91
C2 S3P C . -2.08 -4.16 -1.68
C3 S3P C . -0.86 -4.16 -2.56
C4 S3P C . 0.13 -3.01 -2.22
C5 S3P C . -0.62 -1.69 -2.02
C6 S3P C . -1.62 -1.85 -0.88
C7 S3P C . -3.68 -3.10 -0.08
O1 S3P C . -1.25 -4.20 -3.97
O2 S3P C . 1.14 -2.95 -3.25
O3 S3P C . 0.30 -0.63 -1.70
O4 S3P C . -4.55 -3.95 -0.38
O5 S3P C . -3.77 -2.34 0.88
P1 S3P C . -1.25 -5.55 -4.95
O6 S3P C . -2.20 -6.50 -4.33
O7 S3P C . 0.18 -6.05 -4.92
O8 S3P C . -1.71 -5.07 -6.28
C FMT D . 10.98 9.79 -14.08
O1 FMT D . 10.50 10.62 -13.26
O2 FMT D . 11.40 10.10 -15.23
C FMT E . 30.21 4.66 -0.44
O1 FMT E . 30.08 3.99 -1.48
O2 FMT E . 30.36 5.90 -0.46
C FMT F . -17.68 15.30 5.03
O1 FMT F . -18.27 15.65 6.08
O2 FMT F . -17.00 16.09 4.31
C FMT G . -21.11 5.77 -21.04
O1 FMT G . -21.04 6.92 -20.56
O2 FMT G . -21.79 4.87 -20.50
C FMT H . -12.13 14.47 14.84
O1 FMT H . -11.29 14.38 15.77
O2 FMT H . -12.95 15.43 14.77
C FMT I . -25.73 10.08 -1.03
O1 FMT I . -25.02 10.56 -1.96
O2 FMT I . -26.89 9.62 -1.19
C FMT J . 1.30 13.07 7.55
O1 FMT J . 1.16 11.84 7.45
O2 FMT J . 0.72 13.92 6.87
#